data_3ZY0
#
_entry.id   3ZY0
#
_cell.length_a   30.140
_cell.length_b   33.130
_cell.length_c   34.680
_cell.angle_alpha   105.33
_cell.angle_beta   102.07
_cell.angle_gamma   110.15
#
_symmetry.space_group_name_H-M   'P 1'
#
loop_
_entity.id
_entity.type
_entity.pdbx_description
1 polymer 'TUMOR PROTEIN P63'
2 water water
#
_entity_poly.entity_id   1
_entity_poly.type   'polypeptide(L)'
_entity_poly.pdbx_seq_one_letter_code
;GSDELLYLPVRGRETYE(MSE)LLKIKESLEL(MSE)QYL
;
_entity_poly.pdbx_strand_id   A,B,C,D
#
# COMPACT_ATOMS: atom_id res chain seq x y z
C ASP A 3 12.78 12.71 -16.14
N GLU A 4 13.49 13.22 -15.14
CA GLU A 4 14.15 12.38 -14.14
C GLU A 4 13.13 11.61 -13.34
N LEU A 5 13.50 10.41 -12.91
CA LEU A 5 12.65 9.68 -11.99
C LEU A 5 12.78 10.31 -10.61
N LEU A 6 11.81 10.04 -9.74
CA LEU A 6 11.95 10.39 -8.32
C LEU A 6 12.50 9.14 -7.63
N TYR A 7 13.28 9.32 -6.56
CA TYR A 7 13.90 8.19 -5.86
C TYR A 7 13.44 8.14 -4.41
N LEU A 8 12.58 7.17 -4.10
CA LEU A 8 12.01 7.04 -2.76
C LEU A 8 12.94 6.24 -1.83
N PRO A 9 13.44 6.89 -0.75
CA PRO A 9 14.34 6.17 0.13
C PRO A 9 13.59 5.14 0.94
N VAL A 10 14.17 3.95 1.07
CA VAL A 10 13.56 2.84 1.82
C VAL A 10 14.63 2.13 2.64
N ARG A 11 14.32 1.75 3.89
CA ARG A 11 15.21 0.91 4.72
C ARG A 11 14.83 -0.57 4.64
N GLY A 12 15.72 -1.40 4.13
CA GLY A 12 15.51 -2.83 4.18
C GLY A 12 14.99 -3.37 2.88
N ARG A 13 15.60 -4.47 2.44
CA ARG A 13 15.24 -5.16 1.22
C ARG A 13 13.82 -5.73 1.23
N GLU A 14 13.36 -6.20 2.39
CA GLU A 14 11.99 -6.70 2.56
C GLU A 14 10.97 -5.63 2.12
N THR A 15 11.06 -4.48 2.79
CA THR A 15 10.20 -3.34 2.51
C THR A 15 10.35 -2.83 1.06
N TYR A 16 11.59 -2.72 0.59
CA TYR A 16 11.88 -2.29 -0.77
C TYR A 16 11.17 -3.16 -1.82
N GLU A 17 11.27 -4.47 -1.67
CA GLU A 17 10.69 -5.41 -2.62
C GLU A 17 9.16 -5.31 -2.61
N MSE A 18 8.56 -5.14 -1.43
CA MSE A 18 7.11 -4.96 -1.30
C MSE A 18 6.64 -3.73 -2.02
O MSE A 18 5.61 -3.74 -2.71
CB MSE A 18 6.71 -4.85 0.16
CB MSE A 18 6.78 -4.63 0.16
CG MSE A 18 6.41 -6.26 0.66
CG MSE A 18 7.25 -5.71 1.12
SE MSE A 18 6.40 -6.22 2.64
SE MSE A 18 5.92 -7.16 1.13
CE MSE A 18 6.49 -8.18 2.80
CE MSE A 18 6.14 -7.62 3.03
N LEU A 19 7.34 -2.63 -1.79
CA LEU A 19 6.99 -1.37 -2.43
C LEU A 19 7.20 -1.42 -3.95
N LEU A 20 8.22 -2.18 -4.37
CA LEU A 20 8.46 -2.34 -5.81
C LEU A 20 7.25 -3.01 -6.47
N LYS A 21 6.74 -4.04 -5.81
CA LYS A 21 5.57 -4.78 -6.33
C LYS A 21 4.30 -3.93 -6.34
N ILE A 22 4.09 -3.18 -5.27
CA ILE A 22 2.92 -2.31 -5.17
C ILE A 22 3.01 -1.19 -6.19
N LYS A 23 4.22 -0.64 -6.38
CA LYS A 23 4.43 0.40 -7.40
C LYS A 23 3.94 -0.04 -8.78
N GLU A 24 4.32 -1.25 -9.14
CA GLU A 24 3.96 -1.86 -10.42
C GLU A 24 2.43 -1.89 -10.55
N SER A 25 1.75 -2.37 -9.50
CA SER A 25 0.27 -2.36 -9.48
C SER A 25 -0.35 -0.98 -9.58
N LEU A 26 0.23 -0.02 -8.85
CA LEU A 26 -0.23 1.36 -8.92
C LEU A 26 -0.04 1.95 -10.31
N GLU A 27 1.09 1.65 -10.96
CA GLU A 27 1.34 2.21 -12.29
C GLU A 27 0.30 1.67 -13.30
N LEU A 28 -0.01 0.38 -13.18
CA LEU A 28 -1.10 -0.22 -13.98
C LEU A 28 -2.43 0.48 -13.72
N MSE A 29 -2.75 0.69 -12.44
CA MSE A 29 -4.00 1.31 -12.05
C MSE A 29 -4.14 2.66 -12.70
O MSE A 29 -5.23 3.04 -13.20
CB MSE A 29 -4.00 1.49 -10.53
CB MSE A 29 -4.04 1.44 -10.53
CG MSE A 29 -5.38 1.21 -9.96
CG MSE A 29 -5.26 2.26 -10.09
SE MSE A 29 -5.49 1.73 -8.06
SE MSE A 29 -5.27 2.60 -8.15
CE MSE A 29 -4.56 3.47 -8.17
CE MSE A 29 -6.57 1.20 -7.65
N GLN A 30 -3.04 3.40 -12.73
CA GLN A 30 -3.06 4.80 -13.13
C GLN A 30 -3.16 4.95 -14.62
N TYR A 31 -2.63 3.97 -15.34
CA TYR A 31 -2.76 3.89 -16.78
C TYR A 31 -4.17 3.46 -17.24
N LEU A 32 -4.85 2.63 -16.45
CA LEU A 32 -6.15 2.05 -16.87
C LEU A 32 -7.30 3.03 -16.73
N LEU B 5 -11.87 -10.81 13.60
CA LEU B 5 -11.79 -10.22 12.23
C LEU B 5 -12.57 -8.94 12.26
N LEU B 6 -12.09 -7.98 11.47
CA LEU B 6 -12.87 -6.81 11.17
C LEU B 6 -13.15 -6.89 9.69
N TYR B 7 -14.06 -6.05 9.20
CA TYR B 7 -14.42 -6.09 7.78
C TYR B 7 -14.37 -4.71 7.17
N LEU B 8 -13.34 -4.48 6.36
CA LEU B 8 -13.16 -3.19 5.71
C LEU B 8 -14.13 -3.01 4.54
N PRO B 9 -14.98 -1.94 4.58
CA PRO B 9 -15.91 -1.66 3.51
C PRO B 9 -15.15 -1.10 2.31
N VAL B 10 -15.43 -1.62 1.11
CA VAL B 10 -14.77 -1.19 -0.12
C VAL B 10 -15.78 -1.13 -1.25
N ARG B 11 -15.80 -0.02 -1.96
CA ARG B 11 -16.67 0.14 -3.12
C ARG B 11 -15.88 0.13 -4.44
N GLY B 12 -16.11 -0.90 -5.25
CA GLY B 12 -15.41 -0.96 -6.51
C GLY B 12 -14.35 -2.04 -6.55
N ARG B 13 -14.40 -2.78 -7.66
CA ARG B 13 -13.59 -3.95 -7.92
C ARG B 13 -12.12 -3.61 -7.86
N GLU B 14 -11.73 -2.56 -8.57
CA GLU B 14 -10.34 -2.14 -8.67
C GLU B 14 -9.77 -1.81 -7.31
N THR B 15 -10.51 -1.05 -6.52
CA THR B 15 -10.02 -0.61 -5.20
C THR B 15 -9.87 -1.82 -4.27
N TYR B 16 -10.86 -2.71 -4.31
CA TYR B 16 -10.80 -3.92 -3.51
C TYR B 16 -9.53 -4.71 -3.87
N GLU B 17 -9.26 -4.87 -5.16
CA GLU B 17 -8.12 -5.68 -5.57
C GLU B 17 -6.79 -5.03 -5.16
N MSE B 18 -6.71 -3.70 -5.22
CA MSE B 18 -5.48 -3.00 -4.78
C MSE B 18 -5.29 -3.15 -3.28
O MSE B 18 -4.17 -3.42 -2.80
CB MSE B 18 -5.48 -1.54 -5.23
CG MSE B 18 -4.25 -0.74 -4.77
SE MSE B 18 -2.62 -1.38 -5.68
CE MSE B 18 -3.24 -1.00 -7.48
N LEU B 19 -6.38 -3.00 -2.52
CA LEU B 19 -6.31 -3.12 -1.04
C LEU B 19 -5.95 -4.53 -0.58
N LEU B 20 -6.42 -5.52 -1.32
CA LEU B 20 -6.05 -6.91 -1.10
C LEU B 20 -4.53 -7.10 -1.23
N LYS B 21 -3.92 -6.49 -2.26
CA LYS B 21 -2.48 -6.59 -2.49
C LYS B 21 -1.74 -5.86 -1.38
N ILE B 22 -2.21 -4.69 -0.98
CA ILE B 22 -1.54 -3.89 0.06
C ILE B 22 -1.69 -4.59 1.41
N LYS B 23 -2.87 -5.12 1.69
CA LYS B 23 -3.10 -5.94 2.88
C LYS B 23 -2.04 -7.07 3.01
N GLU B 24 -1.77 -7.78 1.91
CA GLU B 24 -0.81 -8.86 1.94
C GLU B 24 0.58 -8.42 2.45
N SER B 25 1.05 -7.26 1.97
CA SER B 25 2.34 -6.69 2.31
C SER B 25 2.36 -6.22 3.75
N LEU B 26 1.30 -5.53 4.17
CA LEU B 26 1.18 -5.07 5.55
C LEU B 26 1.31 -6.23 6.51
N GLU B 27 0.57 -7.30 6.24
CA GLU B 27 0.56 -8.49 7.11
C GLU B 27 1.87 -9.27 7.11
N LEU B 28 2.56 -9.28 5.97
CA LEU B 28 3.85 -9.99 5.86
C LEU B 28 4.99 -9.27 6.57
N MSE B 29 4.89 -7.94 6.67
CA MSE B 29 5.88 -7.15 7.44
C MSE B 29 6.07 -7.62 8.86
O MSE B 29 7.14 -7.44 9.43
CB MSE B 29 5.51 -5.69 7.63
CG MSE B 29 5.63 -4.90 6.37
SE MSE B 29 7.46 -4.83 5.67
CE MSE B 29 8.37 -4.04 7.23
N GLN B 30 5.03 -8.21 9.45
CA GLN B 30 5.11 -8.75 10.81
C GLN B 30 6.02 -10.00 10.91
N TYR B 31 6.23 -10.65 9.76
CA TYR B 31 6.91 -11.95 9.68
C TYR B 31 8.32 -11.89 9.06
N LEU B 32 8.89 -10.69 8.94
N LEU C 5 19.81 1.02 3.49
CA LEU C 5 19.20 2.18 2.76
C LEU C 5 19.22 2.01 1.22
N LEU C 6 18.05 1.80 0.64
CA LEU C 6 17.87 1.64 -0.82
C LEU C 6 17.04 2.78 -1.38
N TYR C 7 17.13 3.01 -2.69
CA TYR C 7 16.28 4.01 -3.36
C TYR C 7 15.45 3.44 -4.51
N LEU C 8 14.14 3.41 -4.32
CA LEU C 8 13.18 2.92 -5.31
C LEU C 8 12.86 4.00 -6.34
N PRO C 9 13.21 3.75 -7.61
CA PRO C 9 12.92 4.70 -8.69
C PRO C 9 11.43 4.69 -9.00
N VAL C 10 10.84 5.89 -9.08
CA VAL C 10 9.39 6.03 -9.33
C VAL C 10 9.21 7.10 -10.39
N ARG C 11 8.34 6.85 -11.38
CA ARG C 11 8.09 7.79 -12.48
C ARG C 11 7.20 8.96 -12.08
N GLY C 12 6.00 8.67 -11.56
CA GLY C 12 5.02 9.71 -11.24
C GLY C 12 5.07 10.21 -9.80
N ARG C 13 4.75 11.49 -9.59
CA ARG C 13 4.74 12.06 -8.24
C ARG C 13 3.55 11.55 -7.47
N GLU C 14 2.44 11.29 -8.16
CA GLU C 14 1.25 10.66 -7.53
C GLU C 14 1.55 9.25 -7.01
N THR C 15 2.23 8.45 -7.83
CA THR C 15 2.69 7.13 -7.39
C THR C 15 3.63 7.25 -6.18
N TYR C 16 4.56 8.19 -6.29
CA TYR C 16 5.55 8.44 -5.26
C TYR C 16 4.90 8.76 -3.90
N GLU C 17 3.97 9.70 -3.87
CA GLU C 17 3.25 10.03 -2.63
C GLU C 17 2.47 8.85 -2.03
N MSE C 18 1.85 8.05 -2.88
CA MSE C 18 1.07 6.88 -2.42
C MSE C 18 2.04 5.87 -1.83
O MSE C 18 1.79 5.29 -0.76
CB MSE C 18 0.27 6.29 -3.59
CG MSE C 18 -0.67 5.17 -3.19
SE MSE C 18 -2.19 5.89 -2.15
CE MSE C 18 -1.88 4.71 -0.64
N LEU C 19 3.15 5.63 -2.52
CA LEU C 19 4.17 4.73 -2.01
C LEU C 19 4.74 5.22 -0.67
N LEU C 20 4.85 6.54 -0.53
CA LEU C 20 5.37 7.14 0.70
C LEU C 20 4.44 6.84 1.88
N LYS C 21 3.13 6.99 1.65
CA LYS C 21 2.12 6.59 2.65
C LYS C 21 2.17 5.09 2.95
N ILE C 22 2.28 4.26 1.93
CA ILE C 22 2.35 2.80 2.18
C ILE C 22 3.62 2.42 2.93
N LYS C 23 4.71 3.08 2.63
CA LYS C 23 5.97 2.83 3.36
C LYS C 23 5.84 3.13 4.83
N GLU C 24 5.24 4.27 5.15
CA GLU C 24 4.97 4.65 6.54
C GLU C 24 4.16 3.58 7.25
N SER C 25 3.12 3.08 6.59
CA SER C 25 2.31 1.98 7.11
C SER C 25 3.09 0.66 7.32
N LEU C 26 3.92 0.28 6.33
CA LEU C 26 4.75 -0.93 6.45
C LEU C 26 5.72 -0.82 7.62
N GLU C 27 6.31 0.37 7.78
CA GLU C 27 7.23 0.63 8.90
C GLU C 27 6.55 0.44 10.26
N LEU C 28 5.34 0.96 10.40
CA LEU C 28 4.57 0.78 11.63
C LEU C 28 4.07 -0.67 11.83
N MSE C 29 3.78 -1.41 10.75
CA MSE C 29 3.37 -2.82 10.89
C MSE C 29 4.43 -3.63 11.59
O MSE C 29 4.13 -4.61 12.29
CB MSE C 29 3.10 -3.49 9.54
CG MSE C 29 1.84 -2.96 8.86
SE MSE C 29 0.18 -3.37 9.85
CE MSE C 29 0.21 -5.34 9.89
N GLN C 30 5.68 -3.20 11.41
CA GLN C 30 6.85 -3.88 11.96
C GLN C 30 6.91 -3.82 13.49
N TYR C 31 6.06 -2.97 14.09
CA TYR C 31 5.90 -2.91 15.53
C TYR C 31 5.08 -4.07 16.09
N LEU C 32 4.03 -4.47 15.35
CA LEU C 32 3.09 -5.50 15.81
C LEU C 32 3.69 -6.92 15.89
N LEU D 5 -20.69 -2.49 -2.96
CA LEU D 5 -20.08 -2.52 -1.59
C LEU D 5 -19.66 -3.95 -1.18
N LEU D 6 -18.38 -4.09 -0.90
CA LEU D 6 -17.76 -5.36 -0.59
C LEU D 6 -17.15 -5.21 0.78
N TYR D 7 -16.90 -6.33 1.45
CA TYR D 7 -16.21 -6.28 2.75
C TYR D 7 -14.93 -7.11 2.69
N LEU D 8 -13.80 -6.46 2.94
CA LEU D 8 -12.52 -7.16 2.97
C LEU D 8 -12.20 -7.56 4.42
N PRO D 9 -12.15 -8.88 4.69
CA PRO D 9 -11.79 -9.36 6.05
C PRO D 9 -10.31 -9.14 6.38
N VAL D 10 -10.06 -8.68 7.60
CA VAL D 10 -8.73 -8.30 8.08
C VAL D 10 -8.57 -8.77 9.53
N ARG D 11 -7.50 -9.51 9.85
CA ARG D 11 -7.15 -9.85 11.25
C ARG D 11 -6.58 -8.63 11.97
N GLY D 12 -7.23 -8.19 13.05
CA GLY D 12 -6.63 -7.17 13.91
C GLY D 12 -7.03 -5.74 13.60
N ARG D 13 -7.40 -5.02 14.65
CA ARG D 13 -7.81 -3.62 14.52
C ARG D 13 -6.77 -2.71 13.86
N GLU D 14 -5.51 -2.89 14.22
CA GLU D 14 -4.45 -1.98 13.73
C GLU D 14 -4.30 -2.05 12.22
N THR D 15 -4.28 -3.28 11.69
CA THR D 15 -4.18 -3.49 10.21
C THR D 15 -5.41 -2.90 9.51
N TYR D 16 -6.58 -3.16 10.08
CA TYR D 16 -7.85 -2.61 9.57
C TYR D 16 -7.80 -1.06 9.43
N GLU D 17 -7.41 -0.39 10.52
CA GLU D 17 -7.32 1.08 10.52
C GLU D 17 -6.29 1.61 9.55
N MSE D 18 -5.14 0.94 9.49
CA MSE D 18 -4.13 1.25 8.46
C MSE D 18 -4.70 1.21 7.05
O MSE D 18 -4.48 2.12 6.23
CB MSE D 18 -2.97 0.27 8.59
CG MSE D 18 -1.83 0.93 7.83
SE MSE D 18 -0.96 2.16 9.10
CE MSE D 18 -0.28 0.52 9.97
N LEU D 19 -5.46 0.15 6.77
CA LEU D 19 -6.06 -0.06 5.45
C LEU D 19 -7.15 0.94 5.13
N LEU D 20 -7.92 1.33 6.14
CA LEU D 20 -8.86 2.42 5.98
C LEU D 20 -8.18 3.74 5.55
N LYS D 21 -7.06 4.09 6.18
CA LYS D 21 -6.36 5.34 5.87
C LYS D 21 -5.82 5.26 4.41
N ILE D 22 -5.27 4.12 4.06
CA ILE D 22 -4.76 3.83 2.70
C ILE D 22 -5.89 3.87 1.68
N LYS D 23 -7.03 3.31 2.03
CA LYS D 23 -8.17 3.38 1.11
C LYS D 23 -8.58 4.82 0.73
N GLU D 24 -8.65 5.69 1.73
CA GLU D 24 -8.95 7.11 1.51
C GLU D 24 -7.92 7.78 0.59
N SER D 25 -6.64 7.49 0.80
CA SER D 25 -5.56 8.01 -0.05
C SER D 25 -5.60 7.47 -1.49
N LEU D 26 -5.98 6.21 -1.61
CA LEU D 26 -6.11 5.53 -2.89
C LEU D 26 -7.27 6.14 -3.65
N GLU D 27 -8.41 6.29 -2.98
CA GLU D 27 -9.63 6.85 -3.58
C GLU D 27 -9.41 8.30 -4.03
N LEU D 28 -8.67 9.05 -3.23
CA LEU D 28 -8.30 10.42 -3.55
C LEU D 28 -7.50 10.46 -4.84
N MSE D 29 -6.52 9.56 -4.91
CA MSE D 29 -5.57 9.47 -6.00
C MSE D 29 -6.28 9.21 -7.28
O MSE D 29 -6.10 9.93 -8.26
CB MSE D 29 -4.59 8.35 -5.67
CG MSE D 29 -3.75 7.93 -6.86
SE MSE D 29 -2.53 6.51 -6.30
CE MSE D 29 -1.01 7.26 -7.27
N GLN D 30 -7.11 8.16 -7.29
CA GLN D 30 -7.85 7.78 -8.49
C GLN D 30 -9.11 8.62 -8.66
#